data_5KYG
#
_entry.id   5KYG
#
_cell.length_a   70.922
_cell.length_b   70.922
_cell.length_c   79.882
_cell.angle_alpha   90.00
_cell.angle_beta   90.00
_cell.angle_gamma   90.00
#
_symmetry.space_group_name_H-M   'P 43 21 2'
#
loop_
_entity.id
_entity.type
_entity.pdbx_description
1 polymer 'Cytotoxin / haemolysin homologue TlyA'
2 non-polymer GLYCEROL
3 water water
#
_entity_poly.entity_id   1
_entity_poly.type   'polypeptide(L)'
_entity_poly.pdbx_seq_one_letter_code
;MHHHHHHASGLVPRGSRAWVSRGAHKLVGALEAFAIAVAGRRCLDAGASTGGFTEVLLDRGAAHVVAADVGYGQLAWSLR
NDPRVVVLERTNARGLTPEAIGGRVDLVVADLSFISLATVLPALVGCASRDADIVPLVKPQFEVGKGQVGPGGVVHDPQL
RARSVLAVARRAQELGWHSVGVKASPLPGPSGNVEYFLWLRTQTDRALSAKGLEDAVHRAISEGP
;
_entity_poly.pdbx_strand_id   A
#
loop_
_chem_comp.id
_chem_comp.type
_chem_comp.name
_chem_comp.formula
GOL non-polymer GLYCEROL 'C3 H8 O3'
#
# COMPACT_ATOMS: atom_id res chain seq x y z
N TRP A 19 -10.53 6.51 -15.59
CA TRP A 19 -9.40 5.58 -15.27
C TRP A 19 -9.61 4.17 -15.85
N VAL A 20 -8.54 3.38 -15.93
CA VAL A 20 -8.60 1.98 -16.42
C VAL A 20 -9.37 1.15 -15.39
N SER A 21 -9.19 1.47 -14.11
CA SER A 21 -9.87 0.79 -13.05
C SER A 21 -10.27 1.79 -11.96
N ARG A 22 -11.37 1.51 -11.27
CA ARG A 22 -11.79 2.26 -10.06
C ARG A 22 -10.76 2.21 -8.90
N GLY A 23 -9.82 1.26 -8.92
CA GLY A 23 -8.66 1.28 -8.02
C GLY A 23 -7.83 2.57 -8.00
N ALA A 24 -7.78 3.22 -9.17
CA ALA A 24 -7.16 4.54 -9.31
C ALA A 24 -7.60 5.54 -8.26
N HIS A 25 -8.89 5.58 -7.97
CA HIS A 25 -9.46 6.51 -6.99
C HIS A 25 -8.92 6.31 -5.60
N LYS A 26 -8.58 5.07 -5.25
CA LYS A 26 -8.05 4.81 -3.92
C LYS A 26 -6.70 5.49 -3.75
N LEU A 27 -5.81 5.32 -4.71
CA LEU A 27 -4.45 5.82 -4.58
C LEU A 27 -4.43 7.35 -4.68
N VAL A 28 -5.27 7.92 -5.54
CA VAL A 28 -5.42 9.37 -5.61
C VAL A 28 -5.77 9.90 -4.22
N GLY A 29 -6.75 9.28 -3.56
CA GLY A 29 -7.13 9.63 -2.19
C GLY A 29 -5.92 9.62 -1.25
N ALA A 30 -5.11 8.58 -1.31
CA ALA A 30 -3.94 8.49 -0.45
C ALA A 30 -2.89 9.57 -0.75
N LEU A 31 -2.55 9.71 -2.01
CA LEU A 31 -1.51 10.68 -2.43
C LEU A 31 -1.91 12.12 -2.09
N GLU A 32 -3.21 12.41 -2.19
CA GLU A 32 -3.74 13.73 -1.85
C GLU A 32 -3.78 13.98 -0.36
N ALA A 33 -4.25 13.01 0.38
CA ALA A 33 -4.25 13.10 1.86
C ALA A 33 -2.84 13.31 2.45
N PHE A 34 -1.87 12.53 2.02
CA PHE A 34 -0.48 12.64 2.52
C PHE A 34 0.38 13.72 1.87
N ALA A 35 -0.09 14.27 0.75
CA ALA A 35 0.63 15.24 -0.09
C ALA A 35 2.02 14.71 -0.53
N ILE A 36 1.98 13.48 -1.08
CA ILE A 36 3.14 12.86 -1.69
C ILE A 36 3.12 13.12 -3.19
N ALA A 37 4.20 13.71 -3.71
CA ALA A 37 4.35 13.90 -5.14
C ALA A 37 4.97 12.64 -5.75
N VAL A 38 4.64 12.39 -7.01
CA VAL A 38 5.14 11.25 -7.74
C VAL A 38 6.05 11.70 -8.90
N ALA A 39 5.97 12.96 -9.28
CA ALA A 39 6.60 13.38 -10.53
C ALA A 39 8.12 13.23 -10.46
N GLY A 40 8.68 12.59 -11.50
CA GLY A 40 10.11 12.33 -11.60
C GLY A 40 10.64 11.12 -10.83
N ARG A 41 9.76 10.38 -10.14
CA ARG A 41 10.21 9.33 -9.21
C ARG A 41 10.11 7.94 -9.81
N ARG A 42 10.93 7.05 -9.26
CA ARG A 42 10.97 5.65 -9.58
C ARG A 42 10.01 4.97 -8.60
N CYS A 43 9.05 4.21 -9.10
CA CYS A 43 8.02 3.55 -8.26
C CYS A 43 7.90 2.04 -8.45
N LEU A 44 7.49 1.37 -7.39
CA LEU A 44 7.15 -0.05 -7.40
C LEU A 44 5.67 -0.15 -7.03
N ASP A 45 4.87 -0.78 -7.89
CA ASP A 45 3.47 -1.09 -7.60
C ASP A 45 3.43 -2.59 -7.37
N ALA A 46 3.38 -2.97 -6.09
CA ALA A 46 3.34 -4.38 -5.69
C ALA A 46 1.89 -4.83 -5.67
N GLY A 47 1.55 -5.75 -6.53
CA GLY A 47 0.16 -6.18 -6.69
C GLY A 47 -0.52 -5.45 -7.83
N ALA A 48 0.21 -5.24 -8.93
CA ALA A 48 -0.21 -4.32 -10.00
C ALA A 48 -1.51 -4.69 -10.71
N SER A 49 -1.72 -6.00 -10.96
CA SER A 49 -2.98 -6.55 -11.48
C SER A 49 -3.60 -5.76 -12.66
N THR A 50 -4.71 -5.04 -12.48
CA THR A 50 -5.39 -4.34 -13.60
C THR A 50 -4.58 -3.12 -14.07
N GLY A 51 -4.00 -2.43 -13.08
CA GLY A 51 -3.13 -1.27 -13.33
C GLY A 51 -3.70 0.07 -12.87
N GLY A 52 -4.63 0.04 -11.91
CA GLY A 52 -5.22 1.26 -11.38
C GLY A 52 -4.15 2.10 -10.73
N PHE A 53 -3.35 1.47 -9.88
CA PHE A 53 -2.31 2.19 -9.16
C PHE A 53 -1.27 2.67 -10.16
N THR A 54 -0.91 1.80 -11.11
CA THR A 54 0.11 2.16 -12.07
C THR A 54 -0.33 3.32 -12.94
N GLU A 55 -1.60 3.33 -13.32
CA GLU A 55 -2.10 4.39 -14.18
C GLU A 55 -2.01 5.75 -13.51
N VAL A 56 -2.28 5.78 -12.21
CA VAL A 56 -2.26 7.01 -11.41
C VAL A 56 -0.82 7.51 -11.31
N LEU A 57 0.09 6.58 -10.99
CA LEU A 57 1.50 6.95 -10.90
C LEU A 57 1.97 7.60 -12.21
N LEU A 58 1.68 6.95 -13.32
CA LEU A 58 2.06 7.49 -14.64
C LEU A 58 1.41 8.84 -14.94
N ASP A 59 0.11 8.95 -14.64
CA ASP A 59 -0.60 10.23 -14.76
C ASP A 59 0.01 11.37 -13.93
N ARG A 60 0.56 11.05 -12.76
CA ARG A 60 1.16 12.08 -11.89
C ARG A 60 2.67 12.31 -12.11
N GLY A 61 3.20 11.76 -13.19
CA GLY A 61 4.51 12.11 -13.71
C GLY A 61 5.64 11.17 -13.28
N ALA A 62 5.32 9.96 -12.86
CA ALA A 62 6.37 8.99 -12.53
C ALA A 62 7.34 8.82 -13.69
N ALA A 63 8.64 8.80 -13.39
CA ALA A 63 9.66 8.50 -14.41
C ALA A 63 9.64 7.02 -14.85
N HIS A 64 9.40 6.11 -13.90
CA HIS A 64 9.48 4.67 -14.12
C HIS A 64 8.55 3.97 -13.09
N VAL A 65 7.83 2.95 -13.55
CA VAL A 65 7.03 2.09 -12.66
C VAL A 65 7.34 0.64 -12.90
N VAL A 66 7.67 -0.08 -11.84
CA VAL A 66 7.79 -1.52 -11.89
C VAL A 66 6.45 -2.07 -11.42
N ALA A 67 5.76 -2.81 -12.28
CA ALA A 67 4.45 -3.36 -11.95
C ALA A 67 4.68 -4.82 -11.72
N ALA A 68 4.65 -5.23 -10.45
CA ALA A 68 4.83 -6.63 -10.12
C ALA A 68 3.45 -7.28 -10.21
N ASP A 69 3.29 -8.11 -11.23
CA ASP A 69 2.12 -8.95 -11.40
C ASP A 69 2.38 -10.19 -10.53
N VAL A 70 1.64 -10.28 -9.44
CA VAL A 70 1.84 -11.32 -8.44
C VAL A 70 0.57 -12.12 -8.17
N GLY A 71 -0.27 -12.26 -9.20
CA GLY A 71 -1.52 -12.97 -9.03
C GLY A 71 -2.40 -12.92 -10.24
N TYR A 72 -3.64 -13.39 -10.05
CA TYR A 72 -4.64 -13.41 -11.11
C TYR A 72 -4.93 -11.99 -11.54
N GLY A 73 -5.24 -11.81 -12.82
CA GLY A 73 -5.49 -10.47 -13.38
C GLY A 73 -4.38 -10.12 -14.35
N GLN A 74 -4.77 -9.43 -15.43
CA GLN A 74 -3.88 -9.02 -16.53
C GLN A 74 -3.73 -7.51 -16.54
N LEU A 75 -2.50 -7.02 -16.70
CA LEU A 75 -2.28 -5.58 -16.81
C LEU A 75 -2.84 -5.12 -18.15
N ALA A 76 -3.63 -4.04 -18.14
CA ALA A 76 -4.26 -3.51 -19.36
C ALA A 76 -3.19 -3.23 -20.40
N TRP A 77 -3.51 -3.58 -21.64
CA TRP A 77 -2.55 -3.57 -22.76
C TRP A 77 -1.82 -2.22 -22.89
N SER A 78 -2.55 -1.12 -22.69
CA SER A 78 -1.99 0.21 -22.87
C SER A 78 -0.87 0.51 -21.88
N LEU A 79 -1.01 0.03 -20.64
CA LEU A 79 0.05 0.17 -19.61
C LEU A 79 1.24 -0.75 -19.87
N ARG A 80 0.95 -2.00 -20.26
CA ARG A 80 1.97 -2.99 -20.61
C ARG A 80 2.90 -2.49 -21.73
N ASN A 81 2.36 -1.73 -22.68
CA ASN A 81 3.13 -1.20 -23.80
C ASN A 81 3.77 0.18 -23.57
N ASP A 82 3.72 0.72 -22.36
CA ASP A 82 4.27 2.06 -22.07
C ASP A 82 5.76 1.93 -21.72
N PRO A 83 6.62 2.78 -22.32
CA PRO A 83 8.06 2.64 -22.06
C PRO A 83 8.51 3.04 -20.65
N ARG A 84 7.67 3.76 -19.91
CA ARG A 84 7.92 3.99 -18.48
C ARG A 84 7.56 2.80 -17.58
N VAL A 85 6.90 1.77 -18.12
CA VAL A 85 6.43 0.65 -17.30
C VAL A 85 7.26 -0.60 -17.54
N VAL A 86 7.73 -1.24 -16.46
CA VAL A 86 8.32 -2.57 -16.54
C VAL A 86 7.36 -3.53 -15.83
N VAL A 87 6.94 -4.58 -16.53
CA VAL A 87 6.07 -5.59 -15.94
C VAL A 87 6.93 -6.76 -15.46
N LEU A 88 6.81 -7.11 -14.19
CA LEU A 88 7.41 -8.32 -13.64
C LEU A 88 6.30 -9.29 -13.30
N GLU A 89 6.53 -10.56 -13.56
CA GLU A 89 5.56 -11.60 -13.32
C GLU A 89 6.22 -12.59 -12.37
N ARG A 90 6.03 -12.32 -11.08
CA ARG A 90 6.68 -13.06 -10.00
C ARG A 90 5.67 -13.99 -9.37
N THR A 91 6.18 -15.07 -8.77
CA THR A 91 5.37 -15.96 -7.95
C THR A 91 4.69 -15.17 -6.83
N ASN A 92 5.37 -14.19 -6.22
CA ASN A 92 4.76 -13.38 -5.18
C ASN A 92 5.54 -12.12 -4.82
N ALA A 93 4.91 -11.26 -4.04
CA ALA A 93 5.52 -10.03 -3.57
C ALA A 93 6.62 -10.29 -2.54
N ARG A 94 6.55 -11.39 -1.78
CA ARG A 94 7.56 -11.65 -0.76
C ARG A 94 8.91 -12.06 -1.35
N GLY A 95 8.95 -12.40 -2.64
CA GLY A 95 10.21 -12.63 -3.33
C GLY A 95 10.85 -11.42 -4.00
N LEU A 96 10.25 -10.23 -3.87
CA LEU A 96 10.77 -9.05 -4.54
C LEU A 96 12.10 -8.62 -3.93
N THR A 97 13.07 -8.31 -4.79
CA THR A 97 14.37 -7.81 -4.37
C THR A 97 14.77 -6.64 -5.27
N PRO A 98 15.66 -5.75 -4.79
CA PRO A 98 16.19 -4.68 -5.66
C PRO A 98 16.77 -5.17 -6.98
N GLU A 99 17.44 -6.32 -6.92
CA GLU A 99 18.04 -6.94 -8.08
C GLU A 99 16.97 -7.30 -9.10
N ALA A 100 15.90 -7.94 -8.63
CA ALA A 100 14.80 -8.34 -9.50
C ALA A 100 14.07 -7.16 -10.16
N ILE A 101 13.90 -6.06 -9.43
CA ILE A 101 13.18 -4.91 -9.96
C ILE A 101 14.05 -3.85 -10.67
N GLY A 102 15.37 -4.06 -10.71
CA GLY A 102 16.30 -3.14 -11.36
C GLY A 102 16.67 -1.92 -10.53
N GLY A 103 16.73 -2.07 -9.21
CA GLY A 103 17.27 -1.02 -8.34
C GLY A 103 16.20 -0.51 -7.39
N ARG A 104 16.64 0.04 -6.27
CA ARG A 104 15.73 0.54 -5.26
C ARG A 104 14.88 1.68 -5.81
N VAL A 105 13.69 1.88 -5.23
CA VAL A 105 12.75 2.88 -5.70
C VAL A 105 12.47 3.95 -4.64
N ASP A 106 11.84 5.03 -5.07
CA ASP A 106 11.48 6.20 -4.23
C ASP A 106 10.09 6.08 -3.62
N LEU A 107 9.22 5.27 -4.23
CA LEU A 107 7.86 5.15 -3.78
C LEU A 107 7.41 3.71 -3.97
N VAL A 108 6.88 3.11 -2.91
CA VAL A 108 6.34 1.75 -2.99
C VAL A 108 4.87 1.82 -2.61
N VAL A 109 4.01 1.26 -3.45
CA VAL A 109 2.58 1.15 -3.11
C VAL A 109 2.27 -0.32 -3.21
N ALA A 110 1.32 -0.79 -2.40
CA ALA A 110 0.99 -2.19 -2.32
C ALA A 110 -0.50 -2.40 -2.01
N ASP A 111 -1.15 -3.25 -2.79
CA ASP A 111 -2.59 -3.57 -2.66
C ASP A 111 -2.65 -5.09 -2.89
N LEU A 112 -2.50 -5.89 -1.83
CA LEU A 112 -2.31 -7.35 -1.93
C LEU A 112 -3.48 -8.06 -1.28
N SER A 113 -3.87 -9.17 -1.87
CA SER A 113 -5.09 -9.91 -1.52
C SER A 113 -4.71 -11.17 -0.74
N PHE A 114 -5.41 -11.44 0.35
CA PHE A 114 -5.35 -12.72 1.07
C PHE A 114 -3.93 -13.03 1.58
N ILE A 115 -3.19 -11.99 1.93
CA ILE A 115 -1.96 -12.14 2.68
C ILE A 115 -1.82 -11.01 3.64
N SER A 116 -1.14 -11.29 4.75
CA SER A 116 -0.82 -10.25 5.72
C SER A 116 0.41 -9.44 5.27
N LEU A 117 0.33 -8.13 5.44
CA LEU A 117 1.44 -7.24 5.15
C LEU A 117 2.67 -7.53 5.98
N ALA A 118 2.53 -8.15 7.15
CA ALA A 118 3.70 -8.56 7.94
C ALA A 118 4.63 -9.43 7.15
N THR A 119 4.06 -10.31 6.33
CA THR A 119 4.82 -11.27 5.59
C THR A 119 5.59 -10.68 4.42
N VAL A 120 5.12 -9.56 3.88
CA VAL A 120 5.78 -8.97 2.74
C VAL A 120 6.54 -7.70 3.06
N LEU A 121 6.30 -7.12 4.24
CA LEU A 121 6.97 -5.87 4.60
C LEU A 121 8.51 -5.89 4.48
N PRO A 122 9.16 -6.99 4.90
CA PRO A 122 10.60 -7.02 4.73
C PRO A 122 11.01 -6.88 3.26
N ALA A 123 10.27 -7.50 2.35
CA ALA A 123 10.57 -7.40 0.91
C ALA A 123 10.33 -5.97 0.39
N LEU A 124 9.22 -5.35 0.81
CA LEU A 124 8.91 -4.01 0.35
C LEU A 124 9.98 -3.03 0.84
N VAL A 125 10.34 -3.15 2.12
CA VAL A 125 11.40 -2.31 2.72
C VAL A 125 12.73 -2.46 2.02
N GLY A 126 13.08 -3.69 1.67
CA GLY A 126 14.30 -3.98 0.94
C GLY A 126 14.37 -3.43 -0.47
N CYS A 127 13.21 -3.15 -1.08
CA CYS A 127 13.14 -2.50 -2.39
C CYS A 127 13.16 -0.97 -2.33
N ALA A 128 12.99 -0.39 -1.14
CA ALA A 128 12.88 1.05 -0.97
C ALA A 128 14.23 1.73 -0.69
N SER A 129 14.49 2.88 -1.31
CA SER A 129 15.56 3.79 -0.86
C SER A 129 15.33 4.28 0.55
N ARG A 130 16.39 4.76 1.18
CA ARG A 130 16.28 5.29 2.54
C ARG A 130 15.35 6.50 2.58
N ASP A 131 15.29 7.28 1.49
CA ASP A 131 14.39 8.44 1.49
C ASP A 131 13.02 8.20 0.85
N ALA A 132 12.66 6.96 0.70
CA ALA A 132 11.41 6.62 0.05
C ALA A 132 10.19 6.81 0.91
N ASP A 133 9.03 6.85 0.24
CA ASP A 133 7.74 6.66 0.89
C ASP A 133 7.27 5.24 0.60
N ILE A 134 6.80 4.54 1.63
CA ILE A 134 6.14 3.25 1.45
C ILE A 134 4.71 3.43 1.91
N VAL A 135 3.73 3.15 1.04
CA VAL A 135 2.33 3.44 1.35
C VAL A 135 1.51 2.19 1.09
N PRO A 136 1.50 1.26 2.05
CA PRO A 136 0.68 0.05 1.83
C PRO A 136 -0.81 0.29 2.17
N LEU A 137 -1.67 -0.46 1.50
CA LEU A 137 -3.06 -0.47 1.83
C LEU A 137 -3.33 -1.63 2.81
N VAL A 138 -3.67 -1.29 4.05
CA VAL A 138 -3.87 -2.25 5.14
C VAL A 138 -5.31 -2.74 5.09
N LYS A 139 -5.46 -4.05 5.00
CA LYS A 139 -6.77 -4.66 4.85
C LYS A 139 -7.02 -5.48 6.10
N PRO A 140 -7.83 -4.96 7.01
CA PRO A 140 -8.07 -5.70 8.24
C PRO A 140 -8.57 -7.14 8.05
N GLN A 141 -9.39 -7.38 7.04
CA GLN A 141 -9.87 -8.72 6.79
C GLN A 141 -8.77 -9.74 6.47
N PHE A 142 -7.58 -9.29 6.07
CA PHE A 142 -6.45 -10.20 5.77
C PHE A 142 -5.37 -10.16 6.89
N GLU A 143 -5.59 -9.35 7.90
CA GLU A 143 -4.66 -9.17 9.03
C GLU A 143 -5.15 -9.83 10.31
N VAL A 144 -6.46 -9.83 10.55
CA VAL A 144 -6.97 -10.33 11.82
C VAL A 144 -7.00 -11.85 11.79
N GLY A 145 -7.01 -12.46 12.96
CA GLY A 145 -7.14 -13.92 13.08
C GLY A 145 -8.49 -14.42 12.60
N LYS A 146 -8.50 -15.65 12.08
CA LYS A 146 -9.76 -16.34 11.87
C LYS A 146 -10.42 -16.43 13.24
N GLY A 147 -11.72 -16.19 13.30
CA GLY A 147 -12.41 -16.09 14.57
C GLY A 147 -12.69 -14.66 14.90
N GLN A 148 -11.81 -13.75 14.48
CA GLN A 148 -12.03 -12.31 14.64
C GLN A 148 -12.75 -11.68 13.44
N VAL A 149 -12.70 -12.32 12.27
CA VAL A 149 -13.36 -11.79 11.09
C VAL A 149 -14.83 -12.10 11.29
N GLY A 150 -15.67 -11.08 11.19
CA GLY A 150 -17.09 -11.22 11.54
C GLY A 150 -17.92 -12.00 10.52
N PRO A 151 -19.23 -11.91 10.64
CA PRO A 151 -20.09 -12.43 9.59
C PRO A 151 -19.87 -11.75 8.23
N GLY A 152 -20.02 -12.58 7.20
CA GLY A 152 -19.70 -12.21 5.80
C GLY A 152 -18.26 -11.93 5.46
N GLY A 153 -17.34 -12.18 6.39
CA GLY A 153 -15.95 -11.83 6.15
C GLY A 153 -15.65 -10.33 6.24
N VAL A 154 -16.48 -9.59 6.98
CA VAL A 154 -16.27 -8.19 7.19
C VAL A 154 -15.82 -7.94 8.63
N VAL A 155 -14.77 -7.13 8.77
CA VAL A 155 -14.34 -6.73 10.09
C VAL A 155 -15.20 -5.53 10.47
N HIS A 156 -16.35 -5.82 11.08
CA HIS A 156 -17.35 -4.80 11.45
C HIS A 156 -16.91 -3.95 12.65
N ASP A 157 -16.12 -4.56 13.53
CA ASP A 157 -15.63 -3.95 14.77
C ASP A 157 -14.49 -2.95 14.53
N PRO A 158 -14.78 -1.64 14.72
CA PRO A 158 -13.75 -0.63 14.46
C PRO A 158 -12.49 -0.81 15.31
N GLN A 159 -12.63 -1.38 16.49
CA GLN A 159 -11.47 -1.62 17.36
C GLN A 159 -10.53 -2.65 16.73
N LEU A 160 -11.10 -3.64 16.08
CA LEU A 160 -10.31 -4.63 15.40
C LEU A 160 -9.64 -4.11 14.14
N ARG A 161 -10.29 -3.16 13.48
CA ARG A 161 -9.73 -2.52 12.30
C ARG A 161 -8.52 -1.69 12.74
N ALA A 162 -8.64 -1.03 13.90
CA ALA A 162 -7.59 -0.22 14.45
C ALA A 162 -6.40 -1.09 14.84
N ARG A 163 -6.65 -2.21 15.51
CA ARG A 163 -5.57 -3.11 15.91
C ARG A 163 -4.78 -3.59 14.70
N SER A 164 -5.48 -3.88 13.62
CA SER A 164 -4.85 -4.35 12.35
C SER A 164 -3.84 -3.34 11.82
N VAL A 165 -4.27 -2.09 11.76
CA VAL A 165 -3.40 -1.03 11.33
C VAL A 165 -2.23 -0.86 12.30
N LEU A 166 -2.51 -0.91 13.61
CA LEU A 166 -1.40 -0.79 14.58
C LEU A 166 -0.40 -1.92 14.49
N ALA A 167 -0.87 -3.12 14.19
CA ALA A 167 0.04 -4.27 14.07
C ALA A 167 0.96 -4.14 12.85
N VAL A 168 0.40 -3.64 11.75
CA VAL A 168 1.21 -3.38 10.60
C VAL A 168 2.24 -2.26 10.90
N ALA A 169 1.81 -1.17 11.50
CA ALA A 169 2.73 -0.12 11.91
C ALA A 169 3.85 -0.62 12.84
N ARG A 170 3.50 -1.48 13.79
CA ARG A 170 4.46 -2.01 14.72
C ARG A 170 5.53 -2.79 13.98
N ARG A 171 5.12 -3.64 13.04
CA ARG A 171 6.07 -4.44 12.29
C ARG A 171 6.97 -3.56 11.43
N ALA A 172 6.37 -2.56 10.80
CA ALA A 172 7.14 -1.61 9.98
C ALA A 172 8.19 -0.91 10.83
N GLN A 173 7.79 -0.51 12.04
CA GLN A 173 8.72 0.14 12.97
C GLN A 173 9.86 -0.77 13.42
N GLU A 174 9.60 -2.06 13.61
CA GLU A 174 10.66 -3.02 13.87
C GLU A 174 11.70 -3.08 12.74
N LEU A 175 11.29 -2.79 11.52
CA LEU A 175 12.17 -2.72 10.36
C LEU A 175 12.78 -1.33 10.12
N GLY A 176 12.48 -0.36 11.00
CA GLY A 176 13.04 0.99 10.93
C GLY A 176 12.14 2.00 10.21
N TRP A 177 10.90 1.61 9.88
CA TRP A 177 10.00 2.45 9.10
C TRP A 177 8.88 2.96 9.98
N HIS A 178 8.88 4.26 10.23
CA HIS A 178 7.94 4.88 11.16
C HIS A 178 6.65 5.23 10.44
N SER A 179 5.58 5.38 11.21
CA SER A 179 4.31 5.82 10.66
C SER A 179 4.14 7.32 10.74
N VAL A 180 3.76 7.92 9.62
CA VAL A 180 3.59 9.36 9.46
C VAL A 180 2.10 9.78 9.33
N GLY A 181 1.27 8.90 8.82
CA GLY A 181 -0.16 9.21 8.70
C GLY A 181 -0.93 7.99 8.31
N VAL A 182 -2.25 8.12 8.40
CA VAL A 182 -3.20 7.05 8.14
C VAL A 182 -4.41 7.69 7.47
N LYS A 183 -4.94 7.02 6.47
CA LYS A 183 -6.07 7.51 5.69
C LYS A 183 -6.94 6.33 5.25
N ALA A 184 -8.21 6.35 5.62
CA ALA A 184 -9.17 5.38 5.13
C ALA A 184 -9.25 5.47 3.62
N SER A 185 -9.17 4.33 2.96
CA SER A 185 -9.41 4.31 1.54
C SER A 185 -10.85 4.79 1.23
N PRO A 186 -11.02 5.62 0.19
CA PRO A 186 -12.37 6.12 -0.11
C PRO A 186 -13.38 5.09 -0.67
N LEU A 187 -12.90 3.97 -1.19
CA LEU A 187 -13.76 2.90 -1.66
C LEU A 187 -13.50 1.65 -0.79
N PRO A 188 -14.57 0.97 -0.35
CA PRO A 188 -14.35 -0.25 0.41
C PRO A 188 -13.81 -1.38 -0.49
N GLY A 189 -13.29 -2.41 0.17
CA GLY A 189 -12.75 -3.60 -0.48
C GLY A 189 -13.78 -4.70 -0.61
N PRO A 190 -13.33 -5.97 -0.72
CA PRO A 190 -14.27 -7.09 -0.93
C PRO A 190 -15.24 -7.21 0.24
N SER A 191 -16.49 -7.47 -0.13
CA SER A 191 -17.62 -7.58 0.75
C SER A 191 -17.91 -6.37 1.60
N GLY A 192 -17.36 -5.21 1.24
CA GLY A 192 -17.58 -3.98 2.01
C GLY A 192 -16.57 -3.65 3.10
N ASN A 193 -15.46 -4.38 3.21
CA ASN A 193 -14.45 -4.05 4.21
C ASN A 193 -13.85 -2.66 4.00
N VAL A 194 -13.75 -1.89 5.07
CA VAL A 194 -13.03 -0.62 5.03
C VAL A 194 -11.53 -0.94 5.15
N GLU A 195 -10.71 -0.29 4.34
CA GLU A 195 -9.27 -0.53 4.26
C GLU A 195 -8.60 0.83 4.49
N TYR A 196 -7.33 0.80 4.91
CA TYR A 196 -6.64 2.00 5.37
C TYR A 196 -5.23 2.08 4.83
N PHE A 197 -4.89 3.21 4.22
CA PHE A 197 -3.52 3.49 3.82
C PHE A 197 -2.70 3.96 5.00
N LEU A 198 -1.49 3.42 5.11
CA LEU A 198 -0.53 3.86 6.11
C LEU A 198 0.62 4.52 5.39
N TRP A 199 1.08 5.69 5.85
CA TRP A 199 2.27 6.32 5.26
C TRP A 199 3.48 6.01 6.12
N LEU A 200 4.46 5.33 5.53
CA LEU A 200 5.67 4.90 6.20
C LEU A 200 6.90 5.60 5.62
N ARG A 201 7.76 6.11 6.50
CA ARG A 201 9.04 6.68 6.13
C ARG A 201 10.07 6.31 7.18
N THR A 202 11.31 6.09 6.74
CA THR A 202 12.41 5.86 7.66
C THR A 202 13.13 7.17 7.95
N GLN A 203 13.06 8.15 7.02
CA GLN A 203 13.67 9.49 7.19
C GLN A 203 12.54 10.50 7.22
N THR A 204 12.24 11.00 8.41
CA THR A 204 11.14 11.96 8.59
C THR A 204 11.29 12.77 9.87
N ASP A 205 10.82 14.01 9.83
CA ASP A 205 10.69 14.85 11.04
C ASP A 205 9.25 14.83 11.64
N ARG A 206 8.43 13.93 11.11
CA ARG A 206 7.01 13.82 11.53
C ARG A 206 6.58 12.41 11.91
N ALA A 207 7.52 11.59 12.43
CA ALA A 207 7.18 10.22 12.90
C ALA A 207 6.14 10.34 14.00
N LEU A 208 5.04 9.59 13.89
CA LEU A 208 4.05 9.56 14.94
C LEU A 208 4.59 8.85 16.17
N SER A 209 4.33 9.40 17.35
CA SER A 209 4.56 8.68 18.61
C SER A 209 3.49 7.64 18.80
N ALA A 210 3.60 6.83 19.85
CA ALA A 210 2.53 5.85 20.12
C ALA A 210 1.16 6.52 20.30
N LYS A 211 1.13 7.64 21.02
CA LYS A 211 -0.15 8.29 21.27
C LYS A 211 -0.61 9.04 20.04
N GLY A 212 0.34 9.61 19.33
CA GLY A 212 0.04 10.25 18.01
C GLY A 212 -0.57 9.31 17.00
N LEU A 213 0.00 8.12 16.85
CA LEU A 213 -0.58 7.14 15.96
C LEU A 213 -1.96 6.69 16.43
N GLU A 214 -2.15 6.51 17.72
CA GLU A 214 -3.46 6.23 18.25
C GLU A 214 -4.49 7.27 17.85
N ASP A 215 -4.16 8.56 17.96
CA ASP A 215 -5.08 9.61 17.59
C ASP A 215 -5.35 9.56 16.06
N ALA A 216 -4.32 9.34 15.26
CA ALA A 216 -4.47 9.36 13.80
C ALA A 216 -5.34 8.17 13.35
N VAL A 217 -5.09 7.01 13.95
CA VAL A 217 -5.87 5.81 13.67
C VAL A 217 -7.31 5.99 14.12
N HIS A 218 -7.50 6.55 15.32
CA HIS A 218 -8.81 6.77 15.84
C HIS A 218 -9.65 7.68 14.93
N ARG A 219 -9.04 8.74 14.45
CA ARG A 219 -9.73 9.67 13.53
C ARG A 219 -10.02 8.97 12.21
N ALA A 220 -9.06 8.21 11.72
CA ALA A 220 -9.26 7.56 10.42
C ALA A 220 -10.38 6.55 10.51
N ILE A 221 -10.42 5.78 11.58
CA ILE A 221 -11.45 4.79 11.77
C ILE A 221 -12.82 5.40 11.98
N SER A 222 -12.89 6.45 12.78
CA SER A 222 -14.15 7.09 13.02
C SER A 222 -14.63 7.88 11.81
N GLU A 223 -13.72 8.31 10.97
CA GLU A 223 -14.06 9.13 9.84
C GLU A 223 -14.39 8.37 8.56
N GLY A 224 -14.07 7.07 8.55
CA GLY A 224 -14.42 6.15 7.47
C GLY A 224 -13.97 6.40 6.07
N PRO A 225 -14.50 5.65 5.11
CA PRO A 225 -14.13 5.86 3.70
C PRO A 225 -14.70 7.17 3.15
C1 GOL B . 8.25 12.95 -1.18
O1 GOL B . 7.27 12.39 -0.29
C2 GOL B . 7.60 13.55 -2.43
O2 GOL B . 6.46 14.37 -2.11
C3 GOL B . 8.62 14.40 -3.21
O3 GOL B . 9.12 13.67 -4.33
#